data_9HVH
#
_entry.id   9HVH
#
_cell.length_a   48.844
_cell.length_b   69.555
_cell.length_c   79.603
_cell.angle_alpha   90.00
_cell.angle_beta   101.04
_cell.angle_gamma   90.00
#
_symmetry.space_group_name_H-M   'P 1 21 1'
#
loop_
_entity.id
_entity.type
_entity.pdbx_description
1 polymer 'KEMP Eliminase'
2 water water
#
_entity_poly.entity_id   1
_entity_poly.type   'polypeptide(L)'
_entity_poly.pdbx_seq_one_letter_code
;MRVTGVLREIVAHLREEIAERKRRVPLDELRARAASAPPPLDFLAALRGPRIRLIACIVGADPSVGAIRPEFDPAAIARS
YEKAGAAAIGVFTIEDYFRGSDEYLQQVRAAVSLPVLRIDFIIDPYQVYEARALGADAILLLAAILSPAQLRELMALAHE
LGMAAMVEVTDEEDVERALAAKAPLIVIINLNWDTLEISLETTRRLRQRIPPGITVVTWGGIHTREQVEEMEKLGVHAFM
VMVALMRAPDPAAKVRELLGIGR
;
_entity_poly.pdbx_strand_id   A,B
#
# COMPACT_ATOMS: atom_id res chain seq x y z
N MET A 1 16.64 4.56 -13.96
CA MET A 1 16.97 4.83 -12.56
C MET A 1 16.29 3.83 -11.63
N ARG A 2 17.08 3.11 -10.82
CA ARG A 2 16.47 2.09 -9.97
C ARG A 2 15.81 2.71 -8.74
N VAL A 3 16.50 3.62 -8.04
CA VAL A 3 15.98 4.20 -6.80
C VAL A 3 15.66 5.67 -7.08
N THR A 4 14.38 5.93 -7.35
CA THR A 4 13.88 7.21 -7.81
C THR A 4 12.62 7.55 -7.02
N GLY A 5 12.18 8.80 -7.15
CA GLY A 5 10.92 9.29 -6.62
C GLY A 5 10.60 8.86 -5.20
N VAL A 6 9.53 8.09 -5.03
CA VAL A 6 9.05 7.80 -3.69
C VAL A 6 9.99 6.83 -2.96
N LEU A 7 10.53 5.83 -3.67
CA LEU A 7 11.47 4.90 -3.04
C LEU A 7 12.71 5.62 -2.54
N ARG A 8 13.21 6.60 -3.29
CA ARG A 8 14.29 7.46 -2.82
C ARG A 8 13.92 8.17 -1.53
N GLU A 9 12.66 8.63 -1.42
CA GLU A 9 12.24 9.38 -0.25
C GLU A 9 12.14 8.48 0.98
N ILE A 10 11.64 7.25 0.79
CA ILE A 10 11.57 6.32 1.90
C ILE A 10 12.97 5.98 2.42
N VAL A 11 13.86 5.56 1.52
CA VAL A 11 15.23 5.23 1.92
C VAL A 11 15.86 6.40 2.66
N ALA A 12 15.66 7.61 2.15
CA ALA A 12 16.19 8.80 2.81
C ALA A 12 15.63 8.94 4.23
N HIS A 13 14.32 8.70 4.40
CA HIS A 13 13.75 8.71 5.75
C HIS A 13 14.36 7.61 6.61
N LEU A 14 14.59 6.44 6.03
CA LEU A 14 15.21 5.35 6.79
C LEU A 14 16.60 5.73 7.26
N ARG A 15 17.42 6.29 6.34
CA ARG A 15 18.78 6.67 6.68
C ARG A 15 18.80 7.61 7.87
N GLU A 16 17.88 8.57 7.88
CA GLU A 16 17.80 9.56 8.96
C GLU A 16 17.29 8.94 10.26
N GLU A 17 16.29 8.06 10.17
CA GLU A 17 15.79 7.39 11.37
C GLU A 17 16.84 6.50 11.97
N ILE A 18 17.63 5.82 11.13
CA ILE A 18 18.67 4.93 11.65
C ILE A 18 19.76 5.73 12.34
N ALA A 19 20.19 6.85 11.74
CA ALA A 19 21.18 7.71 12.39
C ALA A 19 20.70 8.19 13.75
N GLU A 20 19.45 8.61 13.86
CA GLU A 20 18.91 9.06 15.14
C GLU A 20 18.87 7.92 16.16
N ARG A 21 18.37 6.74 15.73
CA ARG A 21 18.35 5.59 16.64
C ARG A 21 19.75 5.22 17.09
N LYS A 22 20.73 5.34 16.18
CA LYS A 22 22.11 5.01 16.54
C LYS A 22 22.61 5.90 17.68
N ARG A 23 22.24 7.18 17.66
CA ARG A 23 22.73 8.09 18.70
C ARG A 23 22.04 7.86 20.04
N ARG A 24 20.76 7.47 20.02
CA ARG A 24 20.09 7.14 21.27
C ARG A 24 20.43 5.73 21.76
N VAL A 25 20.65 4.78 20.84
CA VAL A 25 21.01 3.41 21.22
C VAL A 25 22.24 3.01 20.41
N PRO A 26 23.46 3.26 20.90
CA PRO A 26 24.66 2.95 20.10
C PRO A 26 24.86 1.45 19.90
N LEU A 27 25.76 1.15 18.96
CA LEU A 27 25.99 -0.22 18.53
C LEU A 27 26.41 -1.12 19.69
N ASP A 28 27.25 -0.63 20.61
CA ASP A 28 27.72 -1.52 21.67
C ASP A 28 26.63 -1.81 22.70
N GLU A 29 25.71 -0.86 22.94
CA GLU A 29 24.51 -1.18 23.71
C GLU A 29 23.63 -2.17 22.97
N LEU A 30 23.38 -1.94 21.67
CA LEU A 30 22.47 -2.83 20.93
C LEU A 30 23.10 -4.18 20.68
N ARG A 31 24.41 -4.23 20.47
CA ARG A 31 25.07 -5.53 20.34
C ARG A 31 24.89 -6.37 21.58
N ALA A 32 25.02 -5.75 22.77
CA ALA A 32 24.81 -6.49 24.01
C ALA A 32 23.34 -6.88 24.16
N ARG A 33 22.42 -6.03 23.72
CA ARG A 33 21.01 -6.43 23.67
C ARG A 33 20.83 -7.68 22.81
N ALA A 34 21.38 -7.68 21.61
CA ALA A 34 21.27 -8.87 20.76
C ALA A 34 21.90 -10.07 21.44
N ALA A 35 23.08 -9.89 22.05
CA ALA A 35 23.77 -11.02 22.66
C ALA A 35 23.01 -11.54 23.86
N SER A 36 22.19 -10.69 24.50
CA SER A 36 21.41 -11.09 25.65
C SER A 36 20.19 -11.94 25.29
N ALA A 37 19.64 -11.76 24.09
CA ALA A 37 18.35 -12.40 23.79
C ALA A 37 18.51 -13.92 23.73
N PRO A 38 17.43 -14.67 23.94
CA PRO A 38 17.48 -16.10 23.66
C PRO A 38 17.92 -16.34 22.23
N PRO A 39 18.62 -17.44 21.97
CA PRO A 39 19.29 -17.58 20.67
C PRO A 39 18.28 -17.85 19.58
N PRO A 40 18.57 -17.45 18.35
CA PRO A 40 17.61 -17.66 17.26
C PRO A 40 17.41 -19.13 16.97
N LEU A 41 16.16 -19.50 16.70
CA LEU A 41 15.82 -20.82 16.17
C LEU A 41 16.31 -20.96 14.73
N ASP A 42 16.27 -22.20 14.23
CA ASP A 42 16.73 -22.52 12.87
C ASP A 42 15.57 -22.32 11.89
N PHE A 43 15.60 -21.20 11.16
CA PHE A 43 14.51 -20.87 10.26
C PHE A 43 14.61 -21.69 8.97
N LEU A 44 15.82 -21.89 8.46
CA LEU A 44 15.97 -22.69 7.26
C LEU A 44 15.47 -24.10 7.49
N ALA A 45 15.74 -24.68 8.66
CA ALA A 45 15.29 -26.03 8.96
C ALA A 45 13.77 -26.13 8.99
N ALA A 46 13.09 -25.09 9.47
CA ALA A 46 11.63 -25.12 9.52
C ALA A 46 11.01 -25.15 8.13
N LEU A 47 11.75 -24.78 7.10
CA LEU A 47 11.20 -24.63 5.77
C LEU A 47 11.48 -25.84 4.90
N ARG A 48 12.21 -26.81 5.42
CA ARG A 48 12.54 -28.02 4.69
C ARG A 48 11.62 -29.11 5.23
N GLY A 49 10.53 -29.36 4.52
CA GLY A 49 9.71 -30.51 4.76
C GLY A 49 9.52 -31.32 3.49
N PRO A 50 8.73 -32.39 3.58
CA PRO A 50 8.33 -33.10 2.36
C PRO A 50 7.20 -32.37 1.63
N ARG A 51 6.38 -31.64 2.37
CA ARG A 51 5.33 -30.83 1.79
C ARG A 51 5.76 -29.36 1.85
N ILE A 52 5.05 -28.53 1.07
CA ILE A 52 5.35 -27.10 1.07
C ILE A 52 4.87 -26.49 2.38
N ARG A 53 5.68 -25.59 2.94
CA ARG A 53 5.42 -25.02 4.26
C ARG A 53 4.86 -23.61 4.18
N LEU A 54 3.97 -23.28 5.12
CA LEU A 54 3.31 -21.98 5.17
C LEU A 54 4.02 -21.06 6.15
N ILE A 55 4.42 -19.88 5.67
CA ILE A 55 4.89 -18.81 6.55
C ILE A 55 3.74 -17.81 6.66
N ALA A 56 3.07 -17.79 7.82
CA ALA A 56 1.89 -16.96 8.03
C ALA A 56 2.30 -15.59 8.54
N CYS A 57 1.88 -14.53 7.84
CA CYS A 57 2.42 -13.20 8.05
C CYS A 57 1.37 -12.29 8.70
N ILE A 58 1.82 -11.48 9.65
CA ILE A 58 1.01 -10.55 10.42
C ILE A 58 1.60 -9.17 10.24
N VAL A 59 0.73 -8.15 10.10
CA VAL A 59 1.20 -6.78 10.06
C VAL A 59 1.32 -6.26 11.49
N GLY A 60 2.53 -5.79 11.85
CA GLY A 60 2.82 -5.27 13.17
C GLY A 60 2.36 -3.83 13.31
N ALA A 61 1.07 -3.59 13.15
CA ALA A 61 0.49 -2.27 13.34
C ALA A 61 -1.03 -2.43 13.41
N ASP A 62 -1.66 -1.47 14.08
CA ASP A 62 -3.10 -1.44 14.27
C ASP A 62 -3.68 -0.34 13.40
N PRO A 63 -4.27 -0.67 12.24
CA PRO A 63 -4.87 0.38 11.39
C PRO A 63 -6.04 1.09 12.04
N SER A 64 -6.58 0.58 13.16
CA SER A 64 -7.67 1.25 13.85
C SER A 64 -7.17 2.25 14.88
N VAL A 65 -5.87 2.22 15.18
CA VAL A 65 -5.22 3.03 16.21
C VAL A 65 -6.02 3.00 17.51
N GLY A 66 -6.53 1.82 17.86
CA GLY A 66 -7.18 1.61 19.13
C GLY A 66 -8.69 1.70 19.12
N ALA A 67 -9.28 2.11 17.99
CA ALA A 67 -10.73 2.23 17.91
C ALA A 67 -11.41 0.87 17.88
N ILE A 68 -10.75 -0.15 17.33
CA ILE A 68 -11.30 -1.50 17.41
C ILE A 68 -11.36 -1.88 18.88
N ARG A 69 -12.57 -2.11 19.38
CA ARG A 69 -12.73 -2.77 20.66
C ARG A 69 -12.47 -4.26 20.46
N PRO A 70 -12.35 -5.03 21.51
CA PRO A 70 -11.16 -5.87 21.72
C PRO A 70 -9.94 -5.40 20.96
N GLU A 71 -8.91 -4.99 21.69
CA GLU A 71 -7.73 -4.38 21.08
C GLU A 71 -6.97 -5.39 20.23
N PHE A 72 -6.35 -4.86 19.17
CA PHE A 72 -5.47 -5.63 18.30
C PHE A 72 -4.51 -6.48 19.14
N ASP A 73 -4.49 -7.79 18.87
CA ASP A 73 -3.75 -8.76 19.68
C ASP A 73 -3.03 -9.73 18.76
N PRO A 74 -1.86 -9.34 18.25
CA PRO A 74 -1.14 -10.23 17.33
C PRO A 74 -0.56 -11.48 17.99
N ALA A 75 -0.27 -11.44 19.30
CA ALA A 75 0.15 -12.66 19.99
C ALA A 75 -0.89 -13.76 19.80
N ALA A 76 -2.17 -13.43 19.99
CA ALA A 76 -3.21 -14.46 19.86
C ALA A 76 -3.44 -14.85 18.41
N ILE A 77 -3.21 -13.92 17.48
CA ILE A 77 -3.33 -14.26 16.06
C ILE A 77 -2.24 -15.24 15.68
N ALA A 78 -1.01 -14.94 16.08
CA ALA A 78 0.10 -15.84 15.80
C ALA A 78 -0.12 -17.22 16.40
N ARG A 79 -0.62 -17.29 17.64
CA ARG A 79 -0.90 -18.60 18.26
C ARG A 79 -1.89 -19.39 17.43
N SER A 80 -2.90 -18.71 16.89
CA SER A 80 -3.89 -19.36 16.05
C SER A 80 -3.27 -19.90 14.76
N TYR A 81 -2.33 -19.15 14.18
CA TYR A 81 -1.64 -19.61 12.97
C TYR A 81 -0.79 -20.83 13.29
N GLU A 82 -0.10 -20.81 14.43
CA GLU A 82 0.71 -21.94 14.88
C GLU A 82 -0.16 -23.18 15.08
N LYS A 83 -1.25 -23.02 15.82
CA LYS A 83 -2.19 -24.13 16.03
C LYS A 83 -2.68 -24.70 14.70
N ALA A 84 -2.95 -23.84 13.73
CA ALA A 84 -3.49 -24.30 12.47
C ALA A 84 -2.45 -24.95 11.56
N GLY A 85 -1.16 -24.84 11.85
CA GLY A 85 -0.16 -25.58 11.08
C GLY A 85 0.95 -24.78 10.40
N ALA A 86 1.02 -23.48 10.66
CA ALA A 86 2.07 -22.67 10.04
C ALA A 86 3.43 -23.23 10.43
N ALA A 87 4.42 -23.09 9.53
CA ALA A 87 5.80 -23.46 9.83
C ALA A 87 6.58 -22.32 10.46
N ALA A 88 6.15 -21.09 10.25
CA ALA A 88 6.85 -19.92 10.75
C ALA A 88 5.87 -18.75 10.68
N ILE A 89 6.13 -17.73 11.50
CA ILE A 89 5.34 -16.51 11.53
C ILE A 89 6.20 -15.39 11.01
N GLY A 90 5.70 -14.65 10.03
CA GLY A 90 6.32 -13.40 9.61
C GLY A 90 5.63 -12.19 10.23
N VAL A 91 6.42 -11.23 10.70
CA VAL A 91 5.88 -10.00 11.28
C VAL A 91 6.40 -8.81 10.49
N PHE A 92 5.48 -8.08 9.86
CA PHE A 92 5.82 -6.89 9.09
C PHE A 92 5.87 -5.72 10.05
N THR A 93 7.06 -5.21 10.34
CA THR A 93 7.22 -4.07 11.24
C THR A 93 7.47 -2.81 10.43
N ILE A 94 6.80 -1.73 10.82
CA ILE A 94 6.90 -0.43 10.14
C ILE A 94 7.47 0.59 11.12
N GLU A 95 8.57 0.22 11.80
CA GLU A 95 9.15 0.98 12.89
C GLU A 95 9.66 2.35 12.46
N ASP A 96 9.65 2.66 11.16
CA ASP A 96 10.09 3.96 10.71
C ASP A 96 8.94 4.95 10.48
N TYR A 97 7.69 4.49 10.58
CA TYR A 97 6.54 5.38 10.53
C TYR A 97 5.52 5.16 11.66
N PHE A 98 5.70 4.13 12.51
CA PHE A 98 4.83 3.89 13.67
C PHE A 98 5.69 3.46 14.85
N ARG A 99 5.36 4.00 16.02
CA ARG A 99 6.30 4.01 17.14
C ARG A 99 6.54 2.62 17.71
N GLY A 100 5.48 1.96 18.18
CA GLY A 100 5.62 0.70 18.88
C GLY A 100 5.34 -0.51 18.01
N SER A 101 5.66 -0.40 16.71
CA SER A 101 5.48 -1.55 15.81
C SER A 101 6.42 -2.67 16.26
N ASP A 102 7.54 -2.33 16.88
CA ASP A 102 8.49 -3.34 17.35
C ASP A 102 8.00 -4.06 18.60
N GLU A 103 7.17 -3.41 19.42
CA GLU A 103 6.61 -4.10 20.58
C GLU A 103 5.69 -5.26 20.16
N TYR A 104 5.04 -5.14 19.00
CA TYR A 104 4.20 -6.26 18.53
C TYR A 104 5.05 -7.46 18.14
N LEU A 105 6.25 -7.23 17.59
CA LEU A 105 7.12 -8.35 17.25
C LEU A 105 7.54 -9.10 18.51
N GLN A 106 7.80 -8.36 19.58
CA GLN A 106 8.13 -8.93 20.88
C GLN A 106 6.96 -9.70 21.46
N GLN A 107 5.75 -9.18 21.30
CA GLN A 107 4.57 -9.89 21.77
C GLN A 107 4.39 -11.21 21.01
N VAL A 108 4.58 -11.18 19.69
CA VAL A 108 4.50 -12.39 18.88
C VAL A 108 5.55 -13.39 19.34
N ARG A 109 6.78 -12.90 19.53
CA ARG A 109 7.89 -13.77 19.86
C ARG A 109 7.68 -14.47 21.21
N ALA A 110 7.09 -13.77 22.18
CA ALA A 110 6.81 -14.43 23.45
C ALA A 110 5.70 -15.46 23.31
N ALA A 111 4.88 -15.38 22.25
CA ALA A 111 3.66 -16.15 22.21
C ALA A 111 3.76 -17.45 21.46
N VAL A 112 4.74 -17.61 20.56
CA VAL A 112 4.84 -18.83 19.78
C VAL A 112 6.25 -19.40 19.92
N SER A 113 6.35 -20.69 19.62
CA SER A 113 7.63 -21.39 19.57
C SER A 113 8.18 -21.50 18.16
N LEU A 114 7.37 -21.15 17.15
CA LEU A 114 7.80 -21.19 15.76
C LEU A 114 8.90 -20.16 15.52
N PRO A 115 9.74 -20.38 14.49
CA PRO A 115 10.69 -19.34 14.06
C PRO A 115 9.94 -18.12 13.53
N VAL A 116 10.47 -16.94 13.85
CA VAL A 116 9.84 -15.67 13.52
C VAL A 116 10.73 -14.93 12.53
N LEU A 117 10.15 -14.60 11.38
CA LEU A 117 10.78 -13.76 10.37
C LEU A 117 10.37 -12.30 10.56
N ARG A 118 11.35 -11.41 10.64
CA ARG A 118 11.06 -9.98 10.66
C ARG A 118 11.01 -9.46 9.22
N ILE A 119 9.86 -8.93 8.84
CA ILE A 119 9.67 -8.35 7.52
C ILE A 119 9.80 -6.85 7.66
N ASP A 120 10.91 -6.31 7.14
CA ASP A 120 11.06 -4.85 7.07
C ASP A 120 12.15 -4.53 6.05
N PHE A 121 12.64 -3.31 6.06
CA PHE A 121 13.41 -2.75 4.97
C PHE A 121 14.84 -2.51 5.45
N ILE A 122 15.73 -3.48 5.21
CA ILE A 122 17.07 -3.47 5.82
C ILE A 122 18.09 -2.92 4.82
N ILE A 123 18.79 -1.86 5.24
CA ILE A 123 19.83 -1.23 4.44
C ILE A 123 21.11 -0.97 5.24
N ASP A 124 21.15 -1.31 6.53
CA ASP A 124 22.26 -0.94 7.41
C ASP A 124 22.48 -2.08 8.39
N PRO A 125 23.75 -2.47 8.65
CA PRO A 125 23.99 -3.56 9.61
C PRO A 125 23.34 -3.34 10.96
N TYR A 126 23.19 -2.06 11.37
CA TYR A 126 22.52 -1.73 12.63
C TYR A 126 21.15 -2.40 12.71
N GLN A 127 20.40 -2.42 11.59
CA GLN A 127 19.07 -3.03 11.61
C GLN A 127 19.12 -4.55 11.79
N VAL A 128 20.24 -5.19 11.50
CA VAL A 128 20.31 -6.63 11.69
C VAL A 128 20.46 -6.96 13.17
N TYR A 129 21.33 -6.23 13.86
CA TYR A 129 21.39 -6.36 15.33
C TYR A 129 20.03 -6.03 15.96
N GLU A 130 19.31 -5.04 15.43
CA GLU A 130 18.01 -4.70 16.00
C GLU A 130 17.03 -5.85 15.88
N ALA A 131 16.98 -6.50 14.71
CA ALA A 131 16.03 -7.60 14.53
C ALA A 131 16.34 -8.73 15.50
N ARG A 132 17.63 -8.98 15.72
CA ARG A 132 18.03 -10.05 16.64
C ARG A 132 17.70 -9.69 18.09
N ALA A 133 17.92 -8.45 18.50
CA ALA A 133 17.52 -8.06 19.85
C ALA A 133 16.01 -8.17 20.09
N LEU A 134 15.20 -8.09 19.03
CA LEU A 134 13.75 -8.21 19.16
C LEU A 134 13.27 -9.66 19.08
N GLY A 135 14.15 -10.62 18.91
CA GLY A 135 13.76 -12.02 18.89
C GLY A 135 13.63 -12.66 17.52
N ALA A 136 14.01 -11.95 16.46
CA ALA A 136 13.85 -12.51 15.11
C ALA A 136 14.79 -13.69 14.87
N ASP A 137 14.31 -14.67 14.12
CA ASP A 137 15.13 -15.78 13.68
C ASP A 137 15.57 -15.66 12.22
N ALA A 138 14.94 -14.76 11.45
CA ALA A 138 15.31 -14.51 10.07
C ALA A 138 15.00 -13.06 9.72
N ILE A 139 15.72 -12.56 8.71
CA ILE A 139 15.48 -11.24 8.11
C ILE A 139 15.34 -11.40 6.60
N LEU A 140 14.88 -10.32 5.95
CA LEU A 140 14.82 -10.18 4.49
C LEU A 140 15.92 -9.24 4.01
N LEU A 141 16.50 -9.54 2.85
CA LEU A 141 17.42 -8.61 2.19
C LEU A 141 16.98 -8.43 0.75
N LEU A 142 16.80 -7.18 0.35
CA LEU A 142 16.28 -6.84 -0.98
C LEU A 142 17.48 -6.70 -1.91
N ALA A 143 17.73 -7.74 -2.72
CA ALA A 143 18.95 -7.75 -3.53
C ALA A 143 18.94 -6.65 -4.59
N ALA A 144 17.76 -6.22 -5.02
CA ALA A 144 17.67 -5.21 -6.08
C ALA A 144 18.12 -3.85 -5.61
N ILE A 145 18.14 -3.62 -4.30
CA ILE A 145 18.46 -2.33 -3.73
C ILE A 145 19.84 -2.29 -3.09
N LEU A 146 20.38 -3.43 -2.68
CA LEU A 146 21.70 -3.46 -2.05
C LEU A 146 22.79 -3.57 -3.10
N SER A 147 23.94 -2.95 -2.81
CA SER A 147 25.13 -3.21 -3.61
C SER A 147 25.62 -4.62 -3.34
N PRO A 148 26.44 -5.18 -4.24
CA PRO A 148 26.97 -6.53 -3.98
C PRO A 148 27.74 -6.65 -2.69
N ALA A 149 28.59 -5.67 -2.36
CA ALA A 149 29.31 -5.70 -1.10
C ALA A 149 28.33 -5.66 0.08
N GLN A 150 27.39 -4.71 0.05
CA GLN A 150 26.41 -4.58 1.11
C GLN A 150 25.61 -5.87 1.31
N LEU A 151 25.16 -6.48 0.21
CA LEU A 151 24.44 -7.74 0.30
C LEU A 151 25.28 -8.80 1.02
N ARG A 152 26.52 -8.98 0.58
CA ARG A 152 27.39 -9.96 1.23
C ARG A 152 27.67 -9.59 2.68
N GLU A 153 27.82 -8.30 2.99
CA GLU A 153 28.04 -7.86 4.38
C GLU A 153 26.83 -8.12 5.26
N LEU A 154 25.62 -7.93 4.73
CA LEU A 154 24.46 -8.14 5.59
C LEU A 154 24.17 -9.62 5.76
N MET A 155 24.44 -10.42 4.74
CA MET A 155 24.26 -11.87 4.86
C MET A 155 25.23 -12.47 5.88
N ALA A 156 26.48 -11.99 5.89
CA ALA A 156 27.48 -12.51 6.81
C ALA A 156 27.20 -12.06 8.24
N LEU A 157 26.70 -10.83 8.42
CA LEU A 157 26.28 -10.41 9.76
C LEU A 157 25.12 -11.26 10.25
N ALA A 158 24.11 -11.51 9.41
CA ALA A 158 22.99 -12.34 9.86
C ALA A 158 23.49 -13.72 10.27
N HIS A 159 24.38 -14.31 9.47
CA HIS A 159 24.93 -15.63 9.78
C HIS A 159 25.70 -15.62 11.08
N GLU A 160 26.52 -14.60 11.30
CA GLU A 160 27.30 -14.53 12.53
C GLU A 160 26.43 -14.37 13.77
N LEU A 161 25.21 -13.84 13.63
CA LEU A 161 24.25 -13.78 14.72
C LEU A 161 23.35 -15.01 14.79
N GLY A 162 23.59 -16.01 13.96
CA GLY A 162 22.75 -17.20 13.98
C GLY A 162 21.40 -17.08 13.30
N MET A 163 21.12 -16.00 12.58
CA MET A 163 19.84 -15.84 11.91
C MET A 163 19.95 -16.23 10.43
N ALA A 164 18.80 -16.58 9.84
CA ALA A 164 18.73 -16.79 8.40
C ALA A 164 18.51 -15.45 7.70
N ALA A 165 19.04 -15.34 6.48
CA ALA A 165 18.82 -14.14 5.69
C ALA A 165 18.16 -14.53 4.38
N MET A 166 16.88 -14.20 4.24
CA MET A 166 16.15 -14.53 3.01
C MET A 166 16.36 -13.42 1.97
N VAL A 167 17.04 -13.75 0.88
CA VAL A 167 17.36 -12.77 -0.17
C VAL A 167 16.17 -12.67 -1.13
N GLU A 168 15.59 -11.48 -1.23
CA GLU A 168 14.45 -11.26 -2.11
C GLU A 168 14.92 -11.02 -3.53
N VAL A 169 14.25 -11.68 -4.48
CA VAL A 169 14.56 -11.53 -5.89
C VAL A 169 13.26 -11.20 -6.62
N THR A 170 13.38 -10.30 -7.61
CA THR A 170 12.25 -9.85 -8.41
C THR A 170 12.38 -10.17 -9.89
N ASP A 171 13.56 -10.56 -10.38
CA ASP A 171 13.80 -10.75 -11.81
C ASP A 171 15.10 -11.53 -11.99
N GLU A 172 15.45 -11.80 -13.24
CA GLU A 172 16.58 -12.68 -13.54
C GLU A 172 17.90 -12.11 -13.04
N GLU A 173 18.05 -10.79 -13.11
CA GLU A 173 19.27 -10.15 -12.64
C GLU A 173 19.43 -10.32 -11.13
N ASP A 174 18.35 -10.09 -10.38
CA ASP A 174 18.38 -10.33 -8.94
C ASP A 174 18.80 -11.76 -8.61
N VAL A 175 18.27 -12.73 -9.35
CA VAL A 175 18.56 -14.13 -9.07
C VAL A 175 20.05 -14.39 -9.20
N GLU A 176 20.63 -13.93 -10.32
CA GLU A 176 22.07 -14.10 -10.50
C GLU A 176 22.84 -13.40 -9.39
N ARG A 177 22.38 -12.24 -8.93
CA ARG A 177 23.04 -11.59 -7.79
C ARG A 177 23.01 -12.49 -6.56
N ALA A 178 21.86 -13.11 -6.31
CA ALA A 178 21.71 -13.96 -5.13
C ALA A 178 22.59 -15.21 -5.25
N LEU A 179 22.58 -15.85 -6.42
CA LEU A 179 23.39 -17.04 -6.60
C LEU A 179 24.88 -16.70 -6.54
N ALA A 180 25.27 -15.54 -7.09
CA ALA A 180 26.67 -15.12 -7.00
C ALA A 180 27.09 -14.87 -5.56
N ALA A 181 26.17 -14.42 -4.72
CA ALA A 181 26.44 -14.24 -3.29
C ALA A 181 26.28 -15.53 -2.51
N LYS A 182 26.02 -16.65 -3.19
CA LYS A 182 25.92 -17.96 -2.57
C LYS A 182 24.84 -17.99 -1.48
N ALA A 183 23.68 -17.40 -1.78
CA ALA A 183 22.58 -17.39 -0.80
C ALA A 183 21.91 -18.75 -0.72
N PRO A 184 21.75 -19.30 0.50
CA PRO A 184 21.06 -20.59 0.64
C PRO A 184 19.54 -20.49 0.66
N LEU A 185 18.98 -19.28 0.74
CA LEU A 185 17.56 -19.07 0.99
C LEU A 185 17.12 -17.86 0.19
N ILE A 186 16.25 -18.07 -0.79
CA ILE A 186 15.81 -17.02 -1.71
C ILE A 186 14.31 -17.00 -1.69
N VAL A 187 13.73 -15.80 -1.68
CA VAL A 187 12.28 -15.63 -1.78
C VAL A 187 11.99 -14.86 -3.06
N ILE A 188 11.18 -15.43 -3.93
CA ILE A 188 10.74 -14.73 -5.12
C ILE A 188 9.54 -13.87 -4.75
N ILE A 189 9.67 -12.56 -4.97
CA ILE A 189 8.57 -11.62 -4.73
C ILE A 189 7.74 -11.57 -6.01
N ASN A 190 6.45 -11.83 -5.89
CA ASN A 190 5.58 -11.97 -7.05
C ASN A 190 5.00 -10.62 -7.49
N LEU A 191 5.84 -9.64 -7.74
CA LEU A 191 5.37 -8.27 -7.89
C LEU A 191 6.14 -7.60 -9.02
N ASN A 192 5.41 -7.11 -10.01
CA ASN A 192 6.00 -6.23 -11.00
C ASN A 192 6.14 -4.85 -10.38
N TRP A 193 7.37 -4.50 -9.99
CA TRP A 193 7.58 -3.23 -9.31
C TRP A 193 7.15 -2.04 -10.15
N ASP A 194 7.24 -2.17 -11.49
CA ASP A 194 6.88 -1.07 -12.36
C ASP A 194 5.42 -0.64 -12.16
N THR A 195 4.50 -1.60 -12.15
CA THR A 195 3.07 -1.33 -12.06
C THR A 195 2.47 -1.52 -10.68
N LEU A 196 3.24 -1.99 -9.70
CA LEU A 196 2.68 -2.55 -8.47
C LEU A 196 1.65 -3.64 -8.78
N GLU A 197 1.88 -4.40 -9.84
CA GLU A 197 1.00 -5.51 -10.22
C GLU A 197 1.50 -6.82 -9.63
N ILE A 198 0.62 -7.50 -8.91
CA ILE A 198 0.94 -8.77 -8.26
C ILE A 198 0.60 -9.91 -9.21
N SER A 199 1.52 -10.86 -9.39
CA SER A 199 1.20 -12.07 -10.15
C SER A 199 2.25 -13.15 -9.92
N LEU A 200 1.75 -14.40 -9.83
CA LEU A 200 2.55 -15.60 -9.67
C LEU A 200 3.42 -15.92 -10.87
N GLU A 201 3.25 -15.21 -12.00
CA GLU A 201 4.10 -15.45 -13.16
C GLU A 201 5.57 -15.35 -12.79
N THR A 202 5.92 -14.41 -11.91
CA THR A 202 7.31 -14.23 -11.48
C THR A 202 7.90 -15.52 -10.96
N THR A 203 7.21 -16.19 -10.02
CA THR A 203 7.79 -17.40 -9.47
C THR A 203 7.94 -18.47 -10.53
N ARG A 204 6.91 -18.66 -11.36
CA ARG A 204 6.99 -19.63 -12.45
C ARG A 204 8.17 -19.34 -13.38
N ARG A 205 8.35 -18.08 -13.73
CA ARG A 205 9.39 -17.71 -14.70
C ARG A 205 10.79 -17.86 -14.11
N LEU A 206 10.96 -17.68 -12.80
CA LEU A 206 12.31 -17.63 -12.24
C LEU A 206 12.72 -18.90 -11.50
N ARG A 207 11.78 -19.80 -11.19
CA ARG A 207 12.13 -20.93 -10.33
C ARG A 207 13.23 -21.81 -10.96
N GLN A 208 13.17 -22.08 -12.27
CA GLN A 208 14.16 -22.95 -12.90
C GLN A 208 15.57 -22.38 -12.92
N ARG A 209 15.73 -21.07 -12.77
CA ARG A 209 17.07 -20.47 -12.68
C ARG A 209 17.77 -20.74 -11.35
N ILE A 210 17.10 -21.32 -10.37
CA ILE A 210 17.66 -21.51 -9.03
C ILE A 210 17.93 -23.00 -8.83
N PRO A 211 19.19 -23.41 -8.67
CA PRO A 211 19.54 -24.85 -8.62
C PRO A 211 18.89 -25.55 -7.44
N PRO A 212 18.66 -26.87 -7.53
CA PRO A 212 18.28 -27.61 -6.32
C PRO A 212 19.35 -27.51 -5.26
N GLY A 213 18.93 -27.68 -4.01
CA GLY A 213 19.77 -27.43 -2.87
C GLY A 213 19.58 -26.07 -2.24
N ILE A 214 19.03 -25.11 -2.99
CA ILE A 214 18.75 -23.79 -2.45
C ILE A 214 17.27 -23.74 -2.10
N THR A 215 16.95 -23.31 -0.88
CA THR A 215 15.56 -23.29 -0.43
C THR A 215 14.85 -22.08 -1.04
N VAL A 216 13.72 -22.33 -1.71
CA VAL A 216 12.97 -21.31 -2.46
C VAL A 216 11.66 -21.05 -1.74
N VAL A 217 11.37 -19.78 -1.47
CA VAL A 217 10.12 -19.30 -0.92
C VAL A 217 9.44 -18.46 -1.99
N THR A 218 8.12 -18.45 -1.96
CA THR A 218 7.38 -17.58 -2.85
C THR A 218 6.46 -16.69 -2.02
N TRP A 219 6.38 -15.42 -2.39
CA TRP A 219 5.58 -14.43 -1.66
C TRP A 219 4.81 -13.55 -2.63
N GLY A 220 3.48 -13.59 -2.54
CA GLY A 220 2.62 -12.62 -3.21
C GLY A 220 1.55 -13.24 -4.09
N GLY A 221 0.31 -12.82 -3.89
CA GLY A 221 -0.77 -13.31 -4.72
C GLY A 221 -1.11 -14.76 -4.53
N ILE A 222 -0.86 -15.32 -3.35
CA ILE A 222 -1.25 -16.69 -3.05
C ILE A 222 -2.53 -16.65 -2.23
N HIS A 223 -3.61 -17.24 -2.74
CA HIS A 223 -4.82 -17.29 -1.94
C HIS A 223 -5.69 -18.53 -2.15
N THR A 224 -5.32 -19.50 -2.99
CA THR A 224 -6.12 -20.72 -3.09
C THR A 224 -5.24 -21.95 -2.93
N ARG A 225 -5.88 -23.05 -2.50
CA ARG A 225 -5.18 -24.31 -2.38
C ARG A 225 -4.54 -24.74 -3.70
N GLU A 226 -5.25 -24.51 -4.82
CA GLU A 226 -4.72 -24.93 -6.11
C GLU A 226 -3.42 -24.22 -6.43
N GLN A 227 -3.33 -22.93 -6.09
CA GLN A 227 -2.07 -22.22 -6.28
C GLN A 227 -0.98 -22.80 -5.42
N VAL A 228 -1.31 -23.13 -4.17
CA VAL A 228 -0.31 -23.75 -3.30
C VAL A 228 0.18 -25.06 -3.90
N GLU A 229 -0.76 -25.89 -4.39
CA GLU A 229 -0.36 -27.20 -4.92
C GLU A 229 0.51 -27.05 -6.17
N GLU A 230 0.21 -26.05 -7.01
CA GLU A 230 1.04 -25.78 -8.18
C GLU A 230 2.48 -25.42 -7.78
N MET A 231 2.63 -24.50 -6.82
CA MET A 231 3.97 -24.15 -6.35
C MET A 231 4.70 -25.35 -5.77
N GLU A 232 4.01 -26.17 -4.98
CA GLU A 232 4.63 -27.38 -4.45
C GLU A 232 5.13 -28.27 -5.57
N LYS A 233 4.34 -28.38 -6.65
CA LYS A 233 4.73 -29.16 -7.82
C LYS A 233 5.97 -28.59 -8.49
N LEU A 234 6.23 -27.29 -8.34
CA LEU A 234 7.43 -26.70 -8.87
C LEU A 234 8.63 -26.90 -7.97
N GLY A 235 8.47 -27.61 -6.85
CA GLY A 235 9.57 -27.73 -5.91
C GLY A 235 9.85 -26.47 -5.10
N VAL A 236 8.88 -25.57 -4.98
CA VAL A 236 9.01 -24.43 -4.09
C VAL A 236 8.82 -24.93 -2.65
N HIS A 237 9.74 -24.56 -1.76
CA HIS A 237 9.75 -25.16 -0.43
C HIS A 237 8.82 -24.48 0.56
N ALA A 238 8.51 -23.19 0.38
CA ALA A 238 7.63 -22.53 1.31
C ALA A 238 6.93 -21.38 0.61
N PHE A 239 5.81 -20.94 1.19
CA PHE A 239 5.11 -19.78 0.69
C PHE A 239 4.71 -18.87 1.85
N MET A 240 4.79 -17.56 1.61
CA MET A 240 4.38 -16.55 2.57
C MET A 240 2.99 -16.07 2.19
N VAL A 241 2.12 -15.93 3.19
CA VAL A 241 0.77 -15.41 2.99
C VAL A 241 0.49 -14.37 4.04
N MET A 242 0.00 -13.22 3.60
CA MET A 242 -0.32 -12.10 4.47
C MET A 242 -1.71 -11.61 4.08
N VAL A 243 -1.84 -11.13 2.84
CA VAL A 243 -3.08 -10.50 2.40
C VAL A 243 -4.25 -11.46 2.56
N ALA A 244 -4.11 -12.69 2.07
CA ALA A 244 -5.22 -13.63 2.11
C ALA A 244 -5.62 -13.97 3.55
N LEU A 245 -4.68 -13.95 4.50
CA LEU A 245 -5.04 -14.25 5.88
C LEU A 245 -5.81 -13.10 6.52
N MET A 246 -5.51 -11.86 6.14
CA MET A 246 -6.21 -10.72 6.75
C MET A 246 -7.63 -10.59 6.22
N ARG A 247 -7.83 -10.76 4.91
CA ARG A 247 -9.18 -10.74 4.35
C ARG A 247 -10.03 -11.90 4.81
N ALA A 248 -9.45 -12.92 5.41
CA ALA A 248 -10.19 -14.14 5.70
C ALA A 248 -11.13 -13.92 6.88
N PRO A 249 -12.35 -14.53 6.85
CA PRO A 249 -13.27 -14.37 7.98
C PRO A 249 -12.66 -15.01 9.21
N ASP A 250 -12.41 -16.33 9.11
CA ASP A 250 -11.66 -17.12 10.07
C ASP A 250 -10.26 -17.30 9.51
N PRO A 251 -9.28 -16.53 9.94
CA PRO A 251 -7.93 -16.69 9.37
C PRO A 251 -7.31 -18.04 9.67
N ALA A 252 -7.65 -18.69 10.79
CA ALA A 252 -7.04 -19.98 11.07
C ALA A 252 -7.57 -21.04 10.11
N ALA A 253 -8.83 -20.92 9.70
CA ALA A 253 -9.38 -21.91 8.78
C ALA A 253 -8.79 -21.74 7.40
N LYS A 254 -8.46 -20.51 7.02
CA LYS A 254 -7.82 -20.26 5.73
C LYS A 254 -6.43 -20.89 5.69
N VAL A 255 -5.68 -20.79 6.80
CA VAL A 255 -4.38 -21.46 6.88
C VAL A 255 -4.55 -22.96 6.63
N ARG A 256 -5.52 -23.57 7.30
CA ARG A 256 -5.79 -24.99 7.11
C ARG A 256 -6.18 -25.29 5.67
N GLU A 257 -6.96 -24.40 5.06
CA GLU A 257 -7.39 -24.61 3.68
C GLU A 257 -6.21 -24.53 2.71
N LEU A 258 -5.32 -23.56 2.92
CA LEU A 258 -4.11 -23.49 2.09
C LEU A 258 -3.19 -24.69 2.28
N LEU A 259 -3.16 -25.30 3.46
CA LEU A 259 -2.33 -26.47 3.63
C LEU A 259 -3.03 -27.75 3.22
N GLY A 260 -4.33 -27.68 2.92
CA GLY A 260 -5.05 -28.88 2.57
C GLY A 260 -5.22 -29.86 3.70
N ILE A 261 -5.34 -29.37 4.94
CA ILE A 261 -5.47 -30.24 6.11
C ILE A 261 -6.74 -29.89 6.88
N GLY A 262 -7.13 -30.80 7.76
CA GLY A 262 -8.15 -30.55 8.77
C GLY A 262 -7.52 -30.32 10.13
N ARG A 263 -8.35 -30.43 11.16
CA ARG A 263 -7.87 -30.26 12.54
C ARG A 263 -7.37 -31.58 13.15
N VAL B 3 -17.92 -2.97 4.11
CA VAL B 3 -16.85 -2.77 5.07
C VAL B 3 -16.56 -4.04 5.91
N THR B 4 -15.35 -4.59 5.79
CA THR B 4 -14.96 -5.78 6.55
C THR B 4 -13.46 -6.10 6.41
N GLY B 5 -12.74 -6.15 7.53
CA GLY B 5 -11.33 -6.49 7.52
C GLY B 5 -10.43 -5.35 7.95
N VAL B 6 -9.39 -5.05 7.16
CA VAL B 6 -8.53 -3.90 7.45
C VAL B 6 -9.31 -2.60 7.22
N LEU B 7 -10.09 -2.56 6.14
CA LEU B 7 -10.92 -1.38 5.88
C LEU B 7 -11.94 -1.17 6.98
N ARG B 8 -12.41 -2.26 7.60
CA ARG B 8 -13.24 -2.14 8.79
C ARG B 8 -12.49 -1.45 9.93
N GLU B 9 -11.20 -1.79 10.09
CA GLU B 9 -10.38 -1.15 11.13
C GLU B 9 -10.11 0.31 10.81
N ILE B 10 -9.99 0.65 9.52
CA ILE B 10 -9.81 2.04 9.15
C ILE B 10 -11.08 2.83 9.46
N VAL B 11 -12.24 2.32 9.01
CA VAL B 11 -13.52 2.93 9.33
C VAL B 11 -13.65 3.18 10.83
N ALA B 12 -13.29 2.18 11.63
CA ALA B 12 -13.42 2.33 13.08
C ALA B 12 -12.62 3.52 13.58
N HIS B 13 -11.40 3.67 13.08
CA HIS B 13 -10.57 4.81 13.45
C HIS B 13 -11.17 6.11 12.92
N LEU B 14 -11.68 6.11 11.68
CA LEU B 14 -12.28 7.32 11.10
C LEU B 14 -13.45 7.84 11.95
N ARG B 15 -14.32 6.94 12.42
CA ARG B 15 -15.43 7.33 13.28
C ARG B 15 -14.93 8.08 14.51
N GLU B 16 -13.91 7.54 15.18
CA GLU B 16 -13.30 8.22 16.33
C GLU B 16 -12.83 9.62 15.95
N GLU B 17 -11.99 9.71 14.92
CA GLU B 17 -11.46 11.02 14.51
C GLU B 17 -12.57 12.02 14.17
N ILE B 18 -13.62 11.56 13.48
CA ILE B 18 -14.69 12.46 13.08
C ILE B 18 -15.46 12.96 14.29
N ALA B 19 -15.70 12.08 15.28
CA ALA B 19 -16.40 12.51 16.49
C ALA B 19 -15.57 13.52 17.26
N GLU B 20 -14.25 13.29 17.35
CA GLU B 20 -13.36 14.24 17.99
C GLU B 20 -13.35 15.59 17.27
N ARG B 21 -13.39 15.57 15.94
CA ARG B 21 -13.40 16.83 15.21
C ARG B 21 -14.71 17.58 15.39
N LYS B 22 -15.84 16.86 15.33
CA LYS B 22 -17.15 17.47 15.59
C LYS B 22 -17.18 18.19 16.94
N ARG B 23 -16.62 17.56 17.98
CA ARG B 23 -16.51 18.21 19.27
C ARG B 23 -15.82 19.57 19.14
N ARG B 24 -14.59 19.58 18.61
CA ARG B 24 -13.82 20.81 18.55
C ARG B 24 -14.47 21.84 17.64
N VAL B 25 -14.85 21.44 16.43
CA VAL B 25 -15.51 22.31 15.47
C VAL B 25 -16.83 21.68 15.09
N PRO B 26 -17.93 22.08 15.75
CA PRO B 26 -19.25 21.52 15.42
C PRO B 26 -19.65 21.87 13.99
N LEU B 27 -20.66 21.16 13.49
CA LEU B 27 -21.11 21.33 12.10
C LEU B 27 -21.39 22.80 11.79
N ASP B 28 -22.06 23.50 12.71
CA ASP B 28 -22.45 24.87 12.45
C ASP B 28 -21.24 25.75 12.16
N GLU B 29 -20.20 25.64 12.98
CA GLU B 29 -18.99 26.42 12.70
C GLU B 29 -18.38 26.03 11.36
N LEU B 30 -18.40 24.74 11.03
CA LEU B 30 -17.77 24.29 9.78
C LEU B 30 -18.65 24.62 8.59
N ARG B 31 -19.98 24.53 8.78
CA ARG B 31 -20.93 24.96 7.75
C ARG B 31 -20.63 26.39 7.30
N ALA B 32 -20.35 27.27 8.25
CA ALA B 32 -20.03 28.66 7.94
C ALA B 32 -18.69 28.77 7.22
N ARG B 33 -17.65 28.10 7.75
CA ARG B 33 -16.33 28.10 7.14
C ARG B 33 -16.42 27.72 5.67
N ALA B 34 -17.13 26.63 5.38
CA ALA B 34 -17.29 26.18 4.00
C ALA B 34 -18.00 27.24 3.17
N ALA B 35 -18.94 27.96 3.76
CA ALA B 35 -19.64 29.01 3.04
C ALA B 35 -18.72 30.14 2.61
N SER B 36 -17.56 30.29 3.25
CA SER B 36 -16.67 31.41 2.97
C SER B 36 -15.36 30.99 2.28
N ALA B 37 -15.27 29.76 1.79
CA ALA B 37 -14.04 29.25 1.17
C ALA B 37 -13.94 29.71 -0.29
N PRO B 38 -12.82 29.47 -0.96
CA PRO B 38 -12.72 29.81 -2.39
C PRO B 38 -13.83 29.13 -3.18
N PRO B 39 -14.60 29.90 -3.96
CA PRO B 39 -15.84 29.36 -4.53
C PRO B 39 -15.55 28.22 -5.48
N PRO B 40 -16.40 27.21 -5.50
CA PRO B 40 -16.06 25.95 -6.20
C PRO B 40 -16.00 26.13 -7.71
N LEU B 41 -14.92 25.62 -8.30
CA LEU B 41 -14.81 25.53 -9.75
C LEU B 41 -15.61 24.34 -10.27
N ASP B 42 -15.80 24.30 -11.58
CA ASP B 42 -16.61 23.26 -12.22
C ASP B 42 -15.72 22.08 -12.61
N PHE B 43 -15.64 21.10 -11.72
CA PHE B 43 -14.77 19.94 -11.93
C PHE B 43 -15.22 19.12 -13.14
N LEU B 44 -16.49 18.74 -13.17
CA LEU B 44 -17.00 17.90 -14.25
C LEU B 44 -16.75 18.53 -15.61
N ALA B 45 -16.83 19.86 -15.70
CA ALA B 45 -16.64 20.53 -16.98
C ALA B 45 -15.20 20.37 -17.47
N ALA B 46 -14.24 20.56 -16.57
CA ALA B 46 -12.83 20.33 -16.91
C ALA B 46 -12.60 18.94 -17.46
N LEU B 47 -13.51 18.01 -17.24
CA LEU B 47 -13.27 16.59 -17.47
C LEU B 47 -13.73 16.12 -18.83
N ARG B 48 -14.11 17.01 -19.73
CA ARG B 48 -14.62 16.54 -21.02
C ARG B 48 -14.26 17.57 -22.08
N GLY B 49 -13.36 17.15 -22.97
CA GLY B 49 -13.10 17.89 -24.18
C GLY B 49 -13.00 16.90 -25.33
N PRO B 50 -12.26 17.28 -26.37
CA PRO B 50 -12.13 16.39 -27.53
C PRO B 50 -11.27 15.16 -27.24
N ARG B 51 -10.29 15.25 -26.35
CA ARG B 51 -9.37 14.16 -26.08
C ARG B 51 -9.28 13.91 -24.58
N ILE B 52 -8.88 12.68 -24.23
CA ILE B 52 -8.90 12.24 -22.84
C ILE B 52 -8.05 13.15 -21.99
N ARG B 53 -8.54 13.44 -20.78
CA ARG B 53 -7.94 14.43 -19.89
C ARG B 53 -7.24 13.76 -18.72
N LEU B 54 -6.24 14.46 -18.17
CA LEU B 54 -5.38 13.92 -17.13
C LEU B 54 -5.68 14.60 -15.81
N ILE B 55 -6.04 13.81 -14.81
CA ILE B 55 -6.10 14.25 -13.43
C ILE B 55 -4.81 13.80 -12.76
N ALA B 56 -3.98 14.75 -12.32
CA ALA B 56 -2.68 14.47 -11.74
C ALA B 56 -2.77 14.50 -10.21
N CYS B 57 -2.47 13.37 -9.58
CA CYS B 57 -2.73 13.19 -8.16
C CYS B 57 -1.45 13.32 -7.33
N ILE B 58 -1.58 14.05 -6.22
CA ILE B 58 -0.50 14.26 -5.27
C ILE B 58 -0.93 13.64 -3.95
N VAL B 59 -0.01 12.91 -3.32
CA VAL B 59 -0.25 12.41 -1.98
C VAL B 59 0.07 13.52 -1.00
N GLY B 60 -0.90 13.85 -0.14
CA GLY B 60 -0.74 14.95 0.79
C GLY B 60 0.07 14.54 2.01
N ALA B 61 1.32 14.14 1.79
CA ALA B 61 2.20 13.71 2.86
C ALA B 61 3.60 13.56 2.28
N ASP B 62 4.60 13.82 3.10
CA ASP B 62 6.00 13.68 2.75
C ASP B 62 6.51 12.31 3.17
N PRO B 63 6.57 11.32 2.27
CA PRO B 63 7.09 9.99 2.66
C PRO B 63 8.51 10.05 3.19
N SER B 64 9.26 11.09 2.86
CA SER B 64 10.59 11.28 3.43
C SER B 64 10.53 11.80 4.85
N VAL B 65 9.38 12.35 5.27
CA VAL B 65 9.19 12.92 6.60
C VAL B 65 10.34 13.87 6.93
N GLY B 66 10.61 14.81 6.02
CA GLY B 66 11.60 15.83 6.30
C GLY B 66 13.04 15.46 5.99
N ALA B 67 13.33 14.20 5.64
CA ALA B 67 14.72 13.87 5.31
C ALA B 67 15.19 14.53 4.02
N ILE B 68 14.28 14.76 3.06
CA ILE B 68 14.59 15.59 1.89
C ILE B 68 14.55 17.05 2.30
N ARG B 69 15.63 17.78 2.02
CA ARG B 69 15.69 19.19 2.31
C ARG B 69 15.78 20.00 1.02
N PRO B 70 15.48 21.31 1.11
CA PRO B 70 14.21 21.82 0.59
C PRO B 70 13.05 20.87 0.86
N GLU B 71 12.18 21.29 1.78
CA GLU B 71 11.06 20.48 2.25
C GLU B 71 10.07 20.20 1.14
N PHE B 72 9.39 19.04 1.27
CA PHE B 72 8.26 18.67 0.43
C PHE B 72 7.34 19.86 0.18
N ASP B 73 7.02 20.10 -1.09
CA ASP B 73 6.35 21.32 -1.54
C ASP B 73 5.31 20.95 -2.58
N PRO B 74 4.12 20.52 -2.16
CA PRO B 74 3.09 20.11 -3.13
C PRO B 74 2.55 21.27 -3.96
N ALA B 75 2.64 22.52 -3.47
CA ALA B 75 2.23 23.69 -4.26
C ALA B 75 3.05 23.79 -5.54
N ALA B 76 4.38 23.77 -5.40
CA ALA B 76 5.25 23.76 -6.58
C ALA B 76 5.02 22.53 -7.45
N ILE B 77 4.74 21.38 -6.83
CA ILE B 77 4.52 20.17 -7.60
C ILE B 77 3.25 20.31 -8.44
N ALA B 78 2.17 20.79 -7.81
CA ALA B 78 0.92 20.97 -8.52
C ALA B 78 1.07 22.00 -9.64
N ARG B 79 1.79 23.09 -9.39
CA ARG B 79 2.02 24.10 -10.43
C ARG B 79 2.69 23.48 -11.65
N SER B 80 3.72 22.66 -11.44
CA SER B 80 4.39 22.03 -12.57
C SER B 80 3.48 21.05 -13.30
N TYR B 81 2.58 20.38 -12.56
CA TYR B 81 1.59 19.54 -13.22
C TYR B 81 0.66 20.39 -14.09
N GLU B 82 0.26 21.55 -13.58
CA GLU B 82 -0.63 22.44 -14.32
C GLU B 82 0.04 22.97 -15.59
N LYS B 83 1.31 23.36 -15.48
CA LYS B 83 2.04 23.77 -16.68
C LYS B 83 2.12 22.64 -17.69
N ALA B 84 2.25 21.40 -17.20
CA ALA B 84 2.47 20.27 -18.10
C ALA B 84 1.20 19.81 -18.81
N GLY B 85 0.06 20.45 -18.58
CA GLY B 85 -1.17 20.11 -19.28
C GLY B 85 -2.22 19.35 -18.48
N ALA B 86 -2.08 19.24 -17.17
CA ALA B 86 -3.07 18.53 -16.37
C ALA B 86 -4.40 19.28 -16.37
N ALA B 87 -5.50 18.52 -16.50
CA ALA B 87 -6.83 19.11 -16.47
C ALA B 87 -7.33 19.38 -15.06
N ALA B 88 -6.79 18.68 -14.06
CA ALA B 88 -7.22 18.83 -12.68
C ALA B 88 -6.16 18.20 -11.80
N ILE B 89 -6.06 18.66 -10.55
CA ILE B 89 -5.17 18.09 -9.53
C ILE B 89 -5.99 17.27 -8.54
N GLY B 90 -5.48 16.10 -8.16
CA GLY B 90 -6.03 15.30 -7.07
C GLY B 90 -5.08 15.35 -5.88
N VAL B 91 -5.64 15.48 -4.68
CA VAL B 91 -4.84 15.50 -3.46
C VAL B 91 -5.39 14.43 -2.54
N PHE B 92 -4.60 13.38 -2.32
CA PHE B 92 -4.99 12.29 -1.43
C PHE B 92 -4.60 12.72 -0.02
N THR B 93 -5.57 13.14 0.78
CA THR B 93 -5.29 13.59 2.13
C THR B 93 -5.45 12.41 3.09
N ILE B 94 -4.60 12.36 4.13
CA ILE B 94 -4.60 11.26 5.09
C ILE B 94 -4.73 11.87 6.48
N GLU B 95 -5.66 12.81 6.61
CA GLU B 95 -5.83 13.63 7.80
C GLU B 95 -6.00 12.81 9.06
N ASP B 96 -6.61 11.64 8.94
CA ASP B 96 -6.87 10.79 10.10
C ASP B 96 -5.62 10.09 10.62
N TYR B 97 -4.52 10.13 9.86
CA TYR B 97 -3.26 9.53 10.29
C TYR B 97 -2.09 10.50 10.31
N PHE B 98 -2.20 11.70 9.73
CA PHE B 98 -1.14 12.70 9.79
C PHE B 98 -1.75 14.09 9.94
N ARG B 99 -1.25 14.84 10.92
CA ARG B 99 -1.67 16.20 11.26
C ARG B 99 -1.88 17.10 10.04
N GLY B 100 -0.78 17.53 9.45
CA GLY B 100 -0.80 18.58 8.47
C GLY B 100 -1.28 18.21 7.10
N SER B 101 -1.85 17.02 6.90
CA SER B 101 -2.20 16.61 5.55
C SER B 101 -3.16 17.60 4.91
N ASP B 102 -4.16 18.06 5.65
CA ASP B 102 -5.16 18.94 5.03
C ASP B 102 -4.56 20.28 4.65
N GLU B 103 -3.53 20.75 5.35
CA GLU B 103 -2.86 21.99 4.95
C GLU B 103 -2.22 21.86 3.56
N TYR B 104 -1.70 20.67 3.22
CA TYR B 104 -1.19 20.46 1.86
C TYR B 104 -2.28 20.66 0.82
N LEU B 105 -3.53 20.27 1.13
CA LEU B 105 -4.61 20.50 0.17
C LEU B 105 -4.86 21.99 -0.01
N GLN B 106 -4.78 22.76 1.07
CA GLN B 106 -4.96 24.20 0.99
C GLN B 106 -3.82 24.86 0.21
N GLN B 107 -2.58 24.42 0.43
CA GLN B 107 -1.45 25.00 -0.30
C GLN B 107 -1.57 24.73 -1.80
N VAL B 108 -2.03 23.54 -2.18
CA VAL B 108 -2.26 23.28 -3.61
C VAL B 108 -3.38 24.17 -4.13
N ARG B 109 -4.47 24.28 -3.38
CA ARG B 109 -5.60 25.09 -3.83
C ARG B 109 -5.15 26.52 -4.12
N ALA B 110 -4.32 27.09 -3.25
CA ALA B 110 -3.80 28.45 -3.45
C ALA B 110 -2.88 28.55 -4.65
N ALA B 111 -2.23 27.45 -5.06
CA ALA B 111 -1.16 27.52 -6.04
C ALA B 111 -1.63 27.30 -7.48
N VAL B 112 -2.78 26.67 -7.69
CA VAL B 112 -3.24 26.38 -9.04
C VAL B 112 -4.59 27.04 -9.28
N SER B 113 -4.94 27.15 -10.57
CA SER B 113 -6.24 27.61 -11.04
C SER B 113 -7.10 26.46 -11.54
N LEU B 114 -6.56 25.22 -11.54
CA LEU B 114 -7.32 24.06 -11.96
C LEU B 114 -8.29 23.63 -10.87
N PRO B 115 -9.35 22.91 -11.24
CA PRO B 115 -10.19 22.25 -10.22
C PRO B 115 -9.38 21.22 -9.45
N VAL B 116 -9.72 21.11 -8.16
CA VAL B 116 -9.03 20.22 -7.24
C VAL B 116 -10.01 19.16 -6.75
N LEU B 117 -9.64 17.89 -6.91
CA LEU B 117 -10.37 16.76 -6.35
C LEU B 117 -9.71 16.36 -5.04
N ARG B 118 -10.50 16.22 -3.98
CA ARG B 118 -10.00 15.66 -2.73
C ARG B 118 -10.24 14.16 -2.74
N ILE B 119 -9.16 13.40 -2.61
CA ILE B 119 -9.23 11.95 -2.48
C ILE B 119 -9.05 11.62 -1.02
N ASP B 120 -10.12 11.16 -0.39
CA ASP B 120 -10.04 10.58 0.94
C ASP B 120 -11.19 9.58 1.08
N PHE B 121 -11.55 9.27 2.31
CA PHE B 121 -12.47 8.17 2.58
C PHE B 121 -13.68 8.78 3.30
N ILE B 122 -14.75 9.06 2.56
CA ILE B 122 -15.87 9.81 3.08
C ILE B 122 -16.95 8.84 3.51
N ILE B 123 -17.29 8.86 4.80
CA ILE B 123 -18.37 8.04 5.33
C ILE B 123 -19.40 8.86 6.07
N ASP B 124 -19.26 10.19 6.10
CA ASP B 124 -20.06 11.07 6.96
C ASP B 124 -20.28 12.42 6.27
N PRO B 125 -21.49 12.99 6.34
CA PRO B 125 -21.72 14.33 5.73
C PRO B 125 -20.78 15.41 6.24
N TYR B 126 -20.38 15.34 7.51
CA TYR B 126 -19.47 16.32 8.06
C TYR B 126 -18.18 16.41 7.25
N GLN B 127 -17.77 15.31 6.60
CA GLN B 127 -16.52 15.32 5.84
C GLN B 127 -16.68 16.02 4.50
N VAL B 128 -17.90 16.06 3.95
CA VAL B 128 -18.12 16.80 2.71
C VAL B 128 -17.95 18.30 2.96
N TYR B 129 -18.46 18.79 4.11
CA TYR B 129 -18.25 20.18 4.50
C TYR B 129 -16.76 20.48 4.71
N GLU B 130 -16.04 19.55 5.34
CA GLU B 130 -14.60 19.72 5.55
C GLU B 130 -13.87 19.89 4.23
N ALA B 131 -14.19 19.05 3.23
CA ALA B 131 -13.57 19.16 1.92
C ALA B 131 -13.86 20.50 1.26
N ARG B 132 -15.10 20.98 1.39
CA ARG B 132 -15.45 22.30 0.85
C ARG B 132 -14.66 23.39 1.55
N ALA B 133 -14.65 23.36 2.89
CA ALA B 133 -13.93 24.37 3.66
C ALA B 133 -12.43 24.34 3.39
N LEU B 134 -11.89 23.22 2.90
CA LEU B 134 -10.47 23.19 2.52
C LEU B 134 -10.23 23.63 1.08
N GLY B 135 -11.27 23.82 0.28
CA GLY B 135 -11.11 24.31 -1.07
C GLY B 135 -11.34 23.30 -2.16
N ALA B 136 -11.77 22.09 -1.80
CA ALA B 136 -12.01 21.07 -2.82
C ALA B 136 -13.15 21.51 -3.74
N ASP B 137 -13.01 21.13 -5.00
CA ASP B 137 -14.08 21.25 -5.99
C ASP B 137 -14.76 19.93 -6.28
N ALA B 138 -14.19 18.81 -5.82
CA ALA B 138 -14.85 17.53 -6.00
C ALA B 138 -14.42 16.58 -4.88
N ILE B 139 -15.29 15.61 -4.60
CA ILE B 139 -14.99 14.57 -3.63
C ILE B 139 -15.10 13.22 -4.32
N LEU B 140 -14.67 12.20 -3.62
CA LEU B 140 -14.84 10.83 -4.05
C LEU B 140 -15.84 10.15 -3.12
N LEU B 141 -16.67 9.26 -3.67
CA LEU B 141 -17.60 8.42 -2.91
C LEU B 141 -17.42 6.97 -3.31
N LEU B 142 -17.25 6.11 -2.30
CA LEU B 142 -16.99 4.67 -2.48
C LEU B 142 -18.31 3.92 -2.52
N ALA B 143 -18.79 3.62 -3.73
CA ALA B 143 -20.07 2.92 -3.90
C ALA B 143 -20.06 1.50 -3.35
N ALA B 144 -18.89 0.87 -3.25
CA ALA B 144 -18.83 -0.44 -2.61
C ALA B 144 -18.97 -0.36 -1.09
N ILE B 145 -18.85 0.83 -0.51
CA ILE B 145 -18.83 1.02 0.94
C ILE B 145 -20.13 1.59 1.45
N LEU B 146 -20.72 2.54 0.73
CA LEU B 146 -21.85 3.30 1.24
C LEU B 146 -23.17 2.58 0.95
N SER B 147 -24.16 2.83 1.81
CA SER B 147 -25.49 2.34 1.54
C SER B 147 -26.09 3.13 0.39
N PRO B 148 -27.08 2.57 -0.32
CA PRO B 148 -27.71 3.33 -1.42
C PRO B 148 -28.36 4.63 -0.97
N ALA B 149 -28.79 4.72 0.30
CA ALA B 149 -29.29 5.99 0.81
C ALA B 149 -28.16 6.99 1.02
N GLN B 150 -27.08 6.57 1.71
CA GLN B 150 -25.97 7.48 1.96
C GLN B 150 -25.31 7.93 0.68
N LEU B 151 -25.25 7.04 -0.32
CA LEU B 151 -24.72 7.42 -1.62
C LEU B 151 -25.48 8.62 -2.18
N ARG B 152 -26.80 8.56 -2.18
CA ARG B 152 -27.56 9.67 -2.73
C ARG B 152 -27.50 10.89 -1.82
N GLU B 153 -27.58 10.69 -0.50
CA GLU B 153 -27.46 11.81 0.43
C GLU B 153 -26.13 12.54 0.28
N LEU B 154 -25.03 11.79 0.12
CA LEU B 154 -23.72 12.43 0.04
C LEU B 154 -23.54 13.10 -1.32
N MET B 155 -24.05 12.48 -2.39
CA MET B 155 -24.02 13.12 -3.70
C MET B 155 -24.79 14.42 -3.68
N ALA B 156 -25.98 14.42 -3.06
CA ALA B 156 -26.82 15.62 -3.07
C ALA B 156 -26.21 16.73 -2.23
N LEU B 157 -25.58 16.39 -1.11
CA LEU B 157 -24.99 17.43 -0.29
C LEU B 157 -23.79 18.08 -0.98
N ALA B 158 -22.93 17.27 -1.63
CA ALA B 158 -21.85 17.82 -2.44
C ALA B 158 -22.43 18.76 -3.50
N HIS B 159 -23.42 18.28 -4.26
CA HIS B 159 -24.08 19.12 -5.25
C HIS B 159 -24.60 20.41 -4.62
N GLU B 160 -25.15 20.31 -3.41
CA GLU B 160 -25.66 21.51 -2.73
C GLU B 160 -24.54 22.49 -2.42
N LEU B 161 -23.34 22.00 -2.12
CA LEU B 161 -22.23 22.89 -1.80
C LEU B 161 -21.48 23.38 -3.04
N GLY B 162 -21.81 22.90 -4.24
CA GLY B 162 -21.11 23.32 -5.44
C GLY B 162 -20.06 22.38 -5.98
N MET B 163 -19.84 21.27 -5.31
CA MET B 163 -18.82 20.33 -5.72
C MET B 163 -19.42 19.18 -6.52
N ALA B 164 -18.58 18.58 -7.35
CA ALA B 164 -18.90 17.33 -8.00
C ALA B 164 -18.53 16.17 -7.08
N ALA B 165 -19.25 15.06 -7.23
CA ALA B 165 -18.93 13.84 -6.48
C ALA B 165 -18.66 12.73 -7.49
N MET B 166 -17.43 12.23 -7.51
CA MET B 166 -17.04 11.13 -8.38
C MET B 166 -17.32 9.82 -7.64
N VAL B 167 -18.12 8.94 -8.24
CA VAL B 167 -18.55 7.71 -7.58
C VAL B 167 -17.64 6.58 -8.05
N GLU B 168 -16.88 6.02 -7.12
CA GLU B 168 -15.95 4.94 -7.44
C GLU B 168 -16.67 3.61 -7.60
N VAL B 169 -16.29 2.87 -8.65
CA VAL B 169 -16.78 1.51 -8.84
C VAL B 169 -15.60 0.59 -9.12
N THR B 170 -15.75 -0.65 -8.64
CA THR B 170 -14.73 -1.68 -8.79
C THR B 170 -15.26 -2.95 -9.46
N ASP B 171 -16.57 -3.12 -9.58
CA ASP B 171 -17.13 -4.39 -10.06
C ASP B 171 -18.52 -4.14 -10.61
N GLU B 172 -19.15 -5.21 -11.13
CA GLU B 172 -20.43 -5.07 -11.77
C GLU B 172 -21.52 -4.67 -10.77
N GLU B 173 -21.38 -5.10 -9.52
CA GLU B 173 -22.35 -4.76 -8.48
C GLU B 173 -22.21 -3.31 -8.02
N ASP B 174 -20.97 -2.78 -7.99
CA ASP B 174 -20.81 -1.36 -7.72
C ASP B 174 -21.41 -0.53 -8.84
N VAL B 175 -21.28 -0.98 -10.09
CA VAL B 175 -21.74 -0.20 -11.23
C VAL B 175 -23.25 0.00 -11.19
N GLU B 176 -24.00 -1.06 -10.88
CA GLU B 176 -25.46 -0.91 -10.83
C GLU B 176 -25.86 0.05 -9.71
N ARG B 177 -25.13 0.06 -8.59
CA ARG B 177 -25.47 0.96 -7.49
C ARG B 177 -25.26 2.42 -7.90
N ALA B 178 -24.20 2.69 -8.65
CA ALA B 178 -23.98 4.05 -9.13
C ALA B 178 -24.98 4.43 -10.20
N LEU B 179 -25.28 3.50 -11.10
CA LEU B 179 -26.36 3.75 -12.06
C LEU B 179 -27.68 3.97 -11.35
N ALA B 180 -27.92 3.28 -10.23
CA ALA B 180 -29.16 3.45 -9.48
C ALA B 180 -29.21 4.83 -8.84
N ALA B 181 -28.11 5.29 -8.26
CA ALA B 181 -28.10 6.60 -7.62
C ALA B 181 -28.05 7.74 -8.62
N LYS B 182 -28.05 7.42 -9.93
CA LYS B 182 -28.09 8.41 -11.03
C LYS B 182 -26.85 9.30 -11.04
N ALA B 183 -25.69 8.72 -10.76
CA ALA B 183 -24.45 9.49 -10.71
C ALA B 183 -24.03 9.89 -12.12
N PRO B 184 -23.82 11.18 -12.40
CA PRO B 184 -23.33 11.59 -13.73
C PRO B 184 -21.82 11.53 -13.90
N LEU B 185 -21.08 11.01 -12.92
CA LEU B 185 -19.62 11.02 -12.96
C LEU B 185 -19.13 9.81 -12.21
N ILE B 186 -18.51 8.87 -12.92
CA ILE B 186 -18.04 7.61 -12.35
C ILE B 186 -16.56 7.43 -12.63
N VAL B 187 -15.83 6.88 -11.65
CA VAL B 187 -14.46 6.45 -11.85
C VAL B 187 -14.39 4.94 -11.67
N ILE B 188 -13.82 4.27 -12.65
CA ILE B 188 -13.50 2.86 -12.54
C ILE B 188 -12.13 2.73 -11.87
N ILE B 189 -12.10 2.08 -10.71
CA ILE B 189 -10.86 1.76 -10.00
C ILE B 189 -10.36 0.41 -10.50
N ASN B 190 -9.17 0.39 -11.09
CA ASN B 190 -8.65 -0.84 -11.67
C ASN B 190 -7.98 -1.72 -10.62
N LEU B 191 -8.68 -2.01 -9.53
CA LEU B 191 -8.11 -2.77 -8.43
C LEU B 191 -9.09 -3.85 -8.01
N ASN B 192 -8.63 -5.11 -8.05
CA ASN B 192 -9.34 -6.20 -7.39
C ASN B 192 -9.28 -5.98 -5.88
N TRP B 193 -10.42 -5.74 -5.23
CA TRP B 193 -10.40 -5.45 -3.81
C TRP B 193 -10.05 -6.68 -2.97
N ASP B 194 -10.19 -7.89 -3.53
CA ASP B 194 -9.83 -9.09 -2.79
C ASP B 194 -8.32 -9.38 -2.90
N THR B 195 -7.80 -9.51 -4.12
CA THR B 195 -6.40 -9.87 -4.30
C THR B 195 -5.45 -8.68 -4.30
N LEU B 196 -5.99 -7.45 -4.20
CA LEU B 196 -5.20 -6.22 -4.39
C LEU B 196 -4.42 -6.26 -5.69
N GLU B 197 -4.94 -6.99 -6.68
CA GLU B 197 -4.37 -7.01 -8.02
C GLU B 197 -4.83 -5.77 -8.77
N ILE B 198 -3.89 -4.97 -9.23
CA ILE B 198 -4.17 -3.86 -10.15
C ILE B 198 -4.15 -4.42 -11.57
N SER B 199 -5.11 -3.96 -12.39
CA SER B 199 -5.16 -4.40 -13.79
C SER B 199 -6.08 -3.54 -14.63
N LEU B 200 -5.60 -3.12 -15.81
CA LEU B 200 -6.43 -2.39 -16.76
C LEU B 200 -7.66 -3.20 -17.19
N GLU B 201 -7.60 -4.53 -17.08
CA GLU B 201 -8.72 -5.37 -17.50
C GLU B 201 -10.03 -4.99 -16.84
N THR B 202 -9.99 -4.34 -15.67
CA THR B 202 -11.21 -3.94 -14.98
C THR B 202 -11.97 -2.89 -15.77
N THR B 203 -11.29 -1.81 -16.16
CA THR B 203 -11.99 -0.79 -16.94
C THR B 203 -12.40 -1.33 -18.30
N ARG B 204 -11.64 -2.28 -18.85
CA ARG B 204 -11.98 -2.80 -20.17
C ARG B 204 -13.32 -3.52 -20.14
N ARG B 205 -13.51 -4.38 -19.13
CA ARG B 205 -14.75 -5.12 -19.03
C ARG B 205 -15.92 -4.23 -18.59
N LEU B 206 -15.68 -3.33 -17.63
CA LEU B 206 -16.77 -2.62 -16.99
C LEU B 206 -17.26 -1.40 -17.75
N ARG B 207 -16.40 -0.75 -18.55
CA ARG B 207 -16.76 0.54 -19.13
C ARG B 207 -18.06 0.45 -19.94
N GLN B 208 -18.30 -0.68 -20.62
CA GLN B 208 -19.46 -0.80 -21.50
C GLN B 208 -20.78 -0.90 -20.72
N ARG B 209 -20.75 -1.24 -19.43
CA ARG B 209 -21.95 -1.28 -18.61
C ARG B 209 -22.40 0.11 -18.15
N ILE B 210 -21.74 1.17 -18.60
CA ILE B 210 -22.08 2.53 -18.24
C ILE B 210 -22.61 3.22 -19.50
N PRO B 211 -23.87 3.62 -19.54
CA PRO B 211 -24.44 4.20 -20.79
C PRO B 211 -23.73 5.48 -21.16
N PRO B 212 -23.77 5.85 -22.44
CA PRO B 212 -23.20 7.15 -22.84
C PRO B 212 -24.00 8.30 -22.25
N GLY B 213 -23.30 9.34 -21.82
CA GLY B 213 -23.91 10.42 -21.09
C GLY B 213 -23.26 10.63 -19.74
N ILE B 214 -22.98 9.53 -19.05
CA ILE B 214 -22.17 9.57 -17.84
C ILE B 214 -20.70 9.74 -18.23
N THR B 215 -20.01 10.64 -17.54
CA THR B 215 -18.58 10.82 -17.75
C THR B 215 -17.81 9.74 -16.99
N VAL B 216 -16.95 9.01 -17.70
CA VAL B 216 -16.17 7.92 -17.12
C VAL B 216 -14.72 8.37 -16.93
N VAL B 217 -14.20 8.13 -15.74
CA VAL B 217 -12.81 8.32 -15.39
C VAL B 217 -12.24 6.95 -15.04
N THR B 218 -10.95 6.75 -15.32
CA THR B 218 -10.27 5.50 -14.99
C THR B 218 -9.07 5.78 -14.08
N TRP B 219 -8.80 4.87 -13.15
CA TRP B 219 -7.74 5.06 -12.17
C TRP B 219 -7.05 3.74 -11.87
N GLY B 220 -5.74 3.67 -12.10
CA GLY B 220 -4.88 2.54 -11.69
C GLY B 220 -4.29 1.79 -12.87
N GLY B 221 -2.98 1.55 -12.81
CA GLY B 221 -2.31 0.77 -13.82
C GLY B 221 -1.92 1.50 -15.09
N ILE B 222 -2.21 2.78 -15.21
CA ILE B 222 -1.85 3.55 -16.40
C ILE B 222 -0.47 4.17 -16.19
N HIS B 223 0.47 3.80 -17.08
CA HIS B 223 1.80 4.41 -17.02
C HIS B 223 2.44 4.59 -18.39
N THR B 224 1.80 4.20 -19.48
CA THR B 224 2.31 4.43 -20.82
C THR B 224 1.34 5.26 -21.64
N ARG B 225 1.87 5.93 -22.67
CA ARG B 225 1.00 6.64 -23.60
C ARG B 225 0.16 5.67 -24.44
N GLU B 226 0.65 4.45 -24.66
CA GLU B 226 -0.15 3.44 -25.35
C GLU B 226 -1.44 3.18 -24.60
N GLN B 227 -1.34 2.99 -23.27
CA GLN B 227 -2.54 2.73 -22.48
C GLN B 227 -3.50 3.91 -22.56
N VAL B 228 -2.96 5.14 -22.57
CA VAL B 228 -3.83 6.31 -22.58
C VAL B 228 -4.63 6.38 -23.86
N GLU B 229 -4.00 6.07 -25.00
CA GLU B 229 -4.72 6.07 -26.27
C GLU B 229 -5.76 4.96 -26.32
N GLU B 230 -5.44 3.79 -25.74
CA GLU B 230 -6.40 2.71 -25.68
C GLU B 230 -7.62 3.10 -24.86
N MET B 231 -7.42 3.78 -23.73
CA MET B 231 -8.56 4.24 -22.93
C MET B 231 -9.36 5.29 -23.68
N GLU B 232 -8.68 6.18 -24.40
CA GLU B 232 -9.38 7.17 -25.22
C GLU B 232 -10.22 6.50 -26.31
N LYS B 233 -9.69 5.40 -26.87
CA LYS B 233 -10.46 4.62 -27.84
C LYS B 233 -11.71 4.01 -27.20
N LEU B 234 -11.72 3.84 -25.87
CA LEU B 234 -12.80 3.19 -25.15
C LEU B 234 -13.93 4.12 -24.78
N GLY B 235 -13.79 5.43 -25.03
CA GLY B 235 -14.77 6.40 -24.59
C GLY B 235 -14.52 7.01 -23.24
N VAL B 236 -13.35 6.78 -22.66
CA VAL B 236 -13.03 7.26 -21.30
C VAL B 236 -12.57 8.71 -21.42
N HIS B 237 -13.24 9.60 -20.67
CA HIS B 237 -13.01 11.04 -20.82
C HIS B 237 -11.80 11.53 -20.03
N ALA B 238 -11.46 10.88 -18.93
CA ALA B 238 -10.32 11.29 -18.12
C ALA B 238 -9.71 10.09 -17.43
N PHE B 239 -8.45 10.25 -17.03
CA PHE B 239 -7.74 9.25 -16.25
C PHE B 239 -6.99 9.94 -15.11
N MET B 240 -6.91 9.25 -13.99
CA MET B 240 -6.14 9.70 -12.84
C MET B 240 -4.81 8.94 -12.81
N VAL B 241 -3.74 9.67 -12.54
CA VAL B 241 -2.41 9.08 -12.38
C VAL B 241 -1.87 9.51 -11.03
N MET B 242 -1.37 8.55 -10.27
CA MET B 242 -0.75 8.86 -8.99
C MET B 242 0.55 8.07 -8.87
N VAL B 243 0.48 6.75 -9.02
CA VAL B 243 1.65 5.92 -8.78
C VAL B 243 2.72 6.18 -9.85
N ALA B 244 2.32 6.33 -11.11
CA ALA B 244 3.28 6.62 -12.16
C ALA B 244 4.01 7.93 -11.91
N LEU B 245 3.31 8.94 -11.36
CA LEU B 245 3.96 10.22 -11.12
C LEU B 245 4.92 10.16 -9.94
N MET B 246 4.48 9.55 -8.82
CA MET B 246 5.33 9.47 -7.64
C MET B 246 6.63 8.74 -7.92
N ARG B 247 6.66 7.89 -8.93
CA ARG B 247 7.82 7.05 -9.20
C ARG B 247 8.67 7.55 -10.36
N ALA B 248 8.24 8.65 -11.05
CA ALA B 248 9.02 9.18 -12.16
C ALA B 248 10.16 10.06 -11.65
N PRO B 249 11.34 10.01 -12.28
CA PRO B 249 12.41 10.92 -11.87
C PRO B 249 12.07 12.38 -12.11
N ASP B 250 11.18 12.67 -13.07
CA ASP B 250 10.70 14.03 -13.31
C ASP B 250 9.20 13.96 -13.54
N PRO B 251 8.40 14.07 -12.46
CA PRO B 251 6.94 13.82 -12.60
C PRO B 251 6.28 14.66 -13.70
N ALA B 252 6.65 15.94 -13.82
CA ALA B 252 6.01 16.78 -14.82
C ALA B 252 6.31 16.28 -16.24
N ALA B 253 7.54 15.81 -16.47
CA ALA B 253 7.85 15.18 -17.74
C ALA B 253 6.97 13.96 -17.98
N LYS B 254 6.62 13.20 -16.94
CA LYS B 254 5.74 12.04 -17.16
C LYS B 254 4.34 12.48 -17.56
N VAL B 255 3.86 13.59 -16.99
CA VAL B 255 2.56 14.15 -17.38
C VAL B 255 2.56 14.49 -18.87
N ARG B 256 3.60 15.17 -19.35
CA ARG B 256 3.65 15.48 -20.77
C ARG B 256 3.67 14.22 -21.63
N GLU B 257 4.49 13.23 -21.23
CA GLU B 257 4.56 11.99 -22.01
C GLU B 257 3.19 11.33 -22.08
N LEU B 258 2.46 11.33 -20.96
CA LEU B 258 1.17 10.64 -20.94
C LEU B 258 0.12 11.36 -21.78
N LEU B 259 0.24 12.68 -21.95
CA LEU B 259 -0.67 13.45 -22.78
C LEU B 259 -0.19 13.52 -24.24
N GLY B 260 0.93 12.89 -24.58
CA GLY B 260 1.49 12.99 -25.91
C GLY B 260 1.95 14.38 -26.29
N ILE B 261 2.64 15.07 -25.37
CA ILE B 261 3.21 16.40 -25.64
C ILE B 261 4.72 16.36 -25.42
#